data_5A86
#
_entry.id   5A86
#
_cell.length_a   83.670
_cell.length_b   89.200
_cell.length_c   106.560
_cell.angle_alpha   90.00
_cell.angle_beta   90.00
_cell.angle_gamma   90.00
#
_symmetry.space_group_name_H-M   'P 21 21 21'
#
loop_
_entity.id
_entity.type
_entity.pdbx_description
1 polymer 'NUCLEAR RECEPTOR SUBFAMILY 1 GROUP I MEMBER 2'
2 polymer 'NUCLEAR RECEPTOR COACTIVATOR 1'
3 non-polymer 4-chloro-N-[(1R)-1-[1-ethyl-6-(trifluoromethyl)benzimidazol-2-yl]ethyl]benzenesulfonamide
4 water water
#
loop_
_entity_poly.entity_id
_entity_poly.type
_entity_poly.pdbx_seq_one_letter_code
_entity_poly.pdbx_strand_id
1 'polypeptide(L)'
;MKKGHHHHHHGSERTGTQPLGVQGLTEEQRMMIRELMDAQMKTFDTTFSHFKNFRLPGVLSSGCELPESLQAPSREEAAK
WSQVRKDLCSLKVSLQLRGEDGSVWNYKPPADSGGKEIFSLLPHMADMSTYMFKGIISFAKVISYFRDLPIEDQISLLKG
AAFELCQLRFNTVFNAETGTWECGRLSYCLEDTAGGFQQLLLEPMLKFHYMLKKLQLHEEEYVLMQAISLFSPDRPGVLQ
HRVVDQLQEQFAITLKSYIECNRPQPAHRFLFLKIMAMLTELRSINAQHTQRLLRIQDIHPFATPLMQELFGIT
;
A,B
2 'polypeptide(L)' SLTERHKILHRLLQEGS C,D
#
loop_
_chem_comp.id
_chem_comp.type
_chem_comp.name
_chem_comp.formula
D7E non-polymer 4-chloro-N-[(1R)-1-[1-ethyl-6-(trifluoromethyl)benzimidazol-2-yl]ethyl]benzenesulfonamide 'C18 H17 Cl F3 N3 O2 S'
#
# COMPACT_ATOMS: atom_id res chain seq x y z
N LEU A 25 25.99 -35.44 -23.99
CA LEU A 25 25.36 -36.61 -24.59
C LEU A 25 25.65 -37.91 -23.88
N THR A 26 26.74 -37.98 -23.08
CA THR A 26 27.05 -39.24 -22.41
C THR A 26 25.95 -39.56 -21.40
N GLU A 27 25.78 -40.84 -21.05
CA GLU A 27 24.76 -41.21 -20.07
C GLU A 27 25.04 -40.49 -18.77
N GLU A 28 26.30 -40.42 -18.36
CA GLU A 28 26.75 -39.77 -17.14
C GLU A 28 26.35 -38.29 -17.15
N GLN A 29 26.54 -37.61 -18.30
CA GLN A 29 26.18 -36.20 -18.44
C GLN A 29 24.68 -36.05 -18.30
N ARG A 30 23.92 -36.98 -18.88
CA ARG A 30 22.47 -36.97 -18.80
C ARG A 30 22.01 -37.10 -17.35
N MET A 31 22.70 -37.94 -16.58
CA MET A 31 22.39 -38.17 -15.17
C MET A 31 22.73 -36.96 -14.32
N MET A 32 23.82 -36.29 -14.67
CA MET A 32 24.25 -35.09 -13.97
C MET A 32 23.19 -33.97 -14.12
N ILE A 33 22.72 -33.78 -15.35
CA ILE A 33 21.70 -32.79 -15.65
C ILE A 33 20.42 -33.16 -14.92
N ARG A 34 20.04 -34.44 -14.97
CA ARG A 34 18.82 -34.91 -14.32
C ARG A 34 18.84 -34.60 -12.83
N GLU A 35 19.97 -34.87 -12.17
CA GLU A 35 20.07 -34.59 -10.74
C GLU A 35 19.92 -33.11 -10.47
N LEU A 36 20.54 -32.27 -11.30
CA LEU A 36 20.49 -30.82 -11.17
C LEU A 36 19.07 -30.30 -11.37
N MET A 37 18.39 -30.77 -12.44
CA MET A 37 17.03 -30.38 -12.77
C MET A 37 16.06 -30.81 -11.67
N ASP A 38 16.27 -32.01 -11.10
CA ASP A 38 15.48 -32.57 -10.00
C ASP A 38 15.63 -31.68 -8.80
N ALA A 39 16.86 -31.28 -8.50
CA ALA A 39 17.15 -30.39 -7.39
C ALA A 39 16.48 -29.03 -7.55
N GLN A 40 16.53 -28.48 -8.75
CA GLN A 40 15.93 -27.20 -9.07
C GLN A 40 14.41 -27.26 -8.89
N MET A 41 13.78 -28.29 -9.47
CA MET A 41 12.32 -28.47 -9.38
C MET A 41 11.87 -28.58 -7.94
N LYS A 42 12.65 -29.30 -7.11
CA LYS A 42 12.29 -29.52 -5.73
C LYS A 42 12.48 -28.32 -4.82
N THR A 43 13.36 -27.36 -5.21
CA THR A 43 13.75 -26.27 -4.31
C THR A 43 13.52 -24.87 -4.82
N PHE A 44 12.98 -24.75 -6.05
CA PHE A 44 12.71 -23.44 -6.61
C PHE A 44 11.22 -23.24 -6.73
N ASP A 45 10.66 -22.50 -5.79
CA ASP A 45 9.25 -22.10 -5.75
C ASP A 45 9.12 -20.91 -6.70
N THR A 46 8.96 -21.22 -7.99
CA THR A 46 8.87 -20.23 -9.04
C THR A 46 7.68 -19.28 -8.90
N THR A 47 6.63 -19.68 -8.21
CA THR A 47 5.44 -18.85 -7.99
C THR A 47 5.53 -18.13 -6.67
N PHE A 48 6.63 -18.35 -5.92
CA PHE A 48 6.84 -17.71 -4.61
C PHE A 48 5.59 -17.89 -3.73
N SER A 49 4.86 -19.00 -3.88
CA SER A 49 3.65 -19.25 -3.12
C SER A 49 3.92 -19.46 -1.64
N HIS A 50 5.15 -19.81 -1.29
CA HIS A 50 5.53 -20.05 0.10
C HIS A 50 6.28 -18.88 0.73
N PHE A 51 6.37 -17.75 0.02
CA PHE A 51 6.98 -16.54 0.55
C PHE A 51 5.87 -15.70 1.16
N LYS A 52 5.78 -15.72 2.48
CA LYS A 52 4.75 -14.98 3.19
C LYS A 52 5.23 -14.53 4.54
N ASN A 53 4.41 -13.68 5.18
CA ASN A 53 4.66 -13.11 6.50
C ASN A 53 5.88 -12.21 6.48
N PHE A 54 6.19 -11.65 5.30
CA PHE A 54 7.34 -10.76 5.13
C PHE A 54 6.99 -9.33 5.55
N ARG A 55 8.00 -8.55 5.87
CA ARG A 55 7.81 -7.16 6.25
C ARG A 55 7.62 -6.30 5.02
N LEU A 56 6.91 -5.21 5.21
CA LEU A 56 6.61 -4.25 4.15
C LEU A 56 6.88 -2.86 4.65
N PRO A 57 7.32 -1.94 3.77
CA PRO A 57 7.57 -0.57 4.24
C PRO A 57 6.32 0.01 4.88
N GLY A 58 6.52 0.63 6.06
CA GLY A 58 5.45 1.23 6.84
C GLY A 58 4.58 2.16 6.03
N VAL A 59 3.34 2.33 6.53
CA VAL A 59 2.33 3.19 5.96
C VAL A 59 2.08 4.39 6.86
N GLU A 76 33.92 11.41 10.66
CA GLU A 76 34.07 10.07 10.11
C GLU A 76 32.71 9.42 9.90
N GLU A 77 31.81 9.50 10.89
CA GLU A 77 30.46 8.97 10.81
C GLU A 77 29.71 9.56 9.62
N ALA A 78 29.80 10.89 9.45
CA ALA A 78 29.17 11.58 8.33
C ALA A 78 29.68 10.98 7.02
N ALA A 79 30.98 10.64 6.97
CA ALA A 79 31.58 10.05 5.78
C ALA A 79 30.93 8.70 5.46
N LYS A 80 30.62 7.92 6.51
CA LYS A 80 29.97 6.63 6.37
C LYS A 80 28.59 6.81 5.76
N TRP A 81 27.78 7.70 6.37
CA TRP A 81 26.42 8.01 5.92
C TRP A 81 26.39 8.44 4.48
N SER A 82 27.34 9.31 4.08
CA SER A 82 27.46 9.81 2.72
C SER A 82 27.61 8.64 1.73
N GLN A 83 28.43 7.65 2.08
CA GLN A 83 28.63 6.49 1.23
C GLN A 83 27.39 5.61 1.23
N VAL A 84 26.80 5.41 2.42
CA VAL A 84 25.60 4.58 2.58
C VAL A 84 24.46 5.13 1.76
N ARG A 85 24.26 6.45 1.76
CA ARG A 85 23.20 7.06 0.96
C ARG A 85 23.37 6.71 -0.52
N LYS A 86 24.63 6.68 -0.99
CA LYS A 86 24.96 6.35 -2.37
C LYS A 86 24.74 4.86 -2.62
N ASP A 87 24.93 4.01 -1.59
CA ASP A 87 24.72 2.56 -1.70
C ASP A 87 23.26 2.15 -1.83
N LEU A 88 22.30 3.09 -1.53
CA LEU A 88 20.83 2.91 -1.51
C LEU A 88 20.07 3.60 -2.63
N CYS A 89 20.71 4.59 -3.31
CA CYS A 89 20.17 5.16 -4.54
C CYS A 89 20.18 4.08 -5.65
N SER A 90 20.94 2.98 -5.44
CA SER A 90 21.09 1.85 -6.35
C SER A 90 20.34 0.59 -5.89
N LEU A 91 19.50 0.73 -4.84
CA LEU A 91 18.68 -0.39 -4.34
C LEU A 91 17.19 -0.04 -4.46
N LYS A 92 16.87 0.84 -5.42
CA LYS A 92 15.50 1.29 -5.67
C LYS A 92 14.76 0.42 -6.66
N VAL A 93 13.52 0.12 -6.32
CA VAL A 93 12.56 -0.68 -7.07
C VAL A 93 11.17 -0.31 -6.52
N SER A 94 10.15 -0.27 -7.37
CA SER A 94 8.81 -0.03 -6.86
C SER A 94 8.28 -1.46 -6.62
N LEU A 95 7.31 -1.60 -5.74
CA LEU A 95 6.80 -2.91 -5.39
C LEU A 95 5.31 -2.99 -5.63
N GLN A 96 4.85 -4.12 -6.18
CA GLN A 96 3.44 -4.36 -6.44
C GLN A 96 3.00 -5.68 -5.84
N LEU A 97 1.89 -5.66 -5.11
CA LEU A 97 1.29 -6.84 -4.48
C LEU A 97 -0.12 -7.04 -5.01
N ARG A 98 -0.35 -8.12 -5.76
CA ARG A 98 -1.66 -8.44 -6.30
C ARG A 98 -2.36 -9.42 -5.38
N GLY A 99 -3.47 -8.97 -4.79
CA GLY A 99 -4.23 -9.82 -3.90
C GLY A 99 -5.02 -10.85 -4.68
N GLU A 100 -5.40 -11.94 -4.01
CA GLU A 100 -6.19 -13.04 -4.57
C GLU A 100 -7.52 -12.53 -5.11
N ASP A 101 -8.13 -11.59 -4.39
CA ASP A 101 -9.40 -10.97 -4.76
C ASP A 101 -9.32 -10.10 -6.01
N GLY A 102 -8.12 -9.81 -6.49
CA GLY A 102 -7.95 -8.97 -7.67
C GLY A 102 -7.54 -7.54 -7.34
N SER A 103 -7.44 -7.20 -6.04
CA SER A 103 -7.00 -5.86 -5.64
C SER A 103 -5.47 -5.75 -5.83
N VAL A 104 -4.97 -4.52 -5.88
CA VAL A 104 -3.54 -4.28 -6.08
C VAL A 104 -3.00 -3.19 -5.14
N TRP A 105 -1.94 -3.51 -4.40
CA TRP A 105 -1.23 -2.55 -3.58
C TRP A 105 0.05 -2.22 -4.31
N ASN A 106 0.35 -0.94 -4.46
CA ASN A 106 1.56 -0.51 -5.14
C ASN A 106 2.35 0.42 -4.24
N TYR A 107 3.65 0.17 -4.09
CA TYR A 107 4.53 0.98 -3.27
C TYR A 107 5.59 1.67 -4.10
N LYS A 108 5.66 3.00 -4.01
CA LYS A 108 6.68 3.80 -4.66
C LYS A 108 7.65 4.29 -3.58
N PRO A 109 8.96 3.99 -3.74
CA PRO A 109 9.95 4.39 -2.71
C PRO A 109 10.17 5.90 -2.63
N PRO A 110 10.65 6.38 -1.46
CA PRO A 110 10.88 7.82 -1.32
C PRO A 110 12.16 8.26 -2.02
N ALA A 111 12.24 9.54 -2.40
CA ALA A 111 13.46 10.10 -2.98
C ALA A 111 14.45 10.32 -1.82
N ASP A 112 15.76 10.32 -2.10
CA ASP A 112 16.73 10.57 -1.02
C ASP A 112 16.52 11.99 -0.49
N SER A 113 15.93 12.07 0.71
CA SER A 113 15.60 13.32 1.36
C SER A 113 16.46 13.69 2.56
N GLY A 114 17.36 12.80 2.96
CA GLY A 114 18.22 13.07 4.09
C GLY A 114 18.47 11.90 5.00
N GLY A 115 17.43 11.37 5.62
CA GLY A 115 17.62 10.26 6.54
C GLY A 115 16.40 9.51 7.02
N LYS A 116 16.61 8.22 7.24
CA LYS A 116 15.62 7.25 7.69
C LYS A 116 14.34 7.19 6.84
N GLU A 117 14.53 7.27 5.51
CA GLU A 117 13.58 7.00 4.42
C GLU A 117 14.25 6.07 3.42
N ILE A 118 15.59 6.19 3.32
CA ILE A 118 16.39 5.38 2.42
C ILE A 118 16.43 3.93 2.87
N PHE A 119 16.02 3.64 4.13
CA PHE A 119 16.04 2.29 4.69
C PHE A 119 14.67 1.62 4.74
N SER A 120 13.65 2.29 4.22
CA SER A 120 12.28 1.82 4.21
C SER A 120 12.07 0.40 3.66
N LEU A 121 12.81 0.01 2.59
CA LEU A 121 12.65 -1.29 1.95
C LEU A 121 13.61 -2.38 2.44
N LEU A 122 14.58 -2.03 3.29
CA LEU A 122 15.57 -2.99 3.78
C LEU A 122 14.97 -4.20 4.50
N PRO A 123 14.04 -4.02 5.45
CA PRO A 123 13.46 -5.19 6.10
C PRO A 123 12.81 -6.15 5.10
N HIS A 124 12.06 -5.61 4.12
CA HIS A 124 11.43 -6.45 3.09
C HIS A 124 12.50 -7.19 2.28
N MET A 125 13.54 -6.46 1.88
CA MET A 125 14.65 -7.01 1.11
C MET A 125 15.32 -8.13 1.87
N ALA A 126 15.46 -7.95 3.18
CA ALA A 126 16.09 -8.94 4.04
C ALA A 126 15.26 -10.21 4.07
N ASP A 127 13.94 -10.08 4.10
CA ASP A 127 13.05 -11.23 4.10
C ASP A 127 13.07 -11.94 2.74
N MET A 128 13.07 -11.18 1.62
CA MET A 128 13.11 -11.79 0.29
C MET A 128 14.40 -12.56 0.08
N SER A 129 15.53 -11.93 0.42
CA SER A 129 16.84 -12.53 0.27
C SER A 129 16.99 -13.79 1.10
N THR A 130 16.50 -13.75 2.34
CA THR A 130 16.57 -14.89 3.25
C THR A 130 15.77 -16.04 2.67
N TYR A 131 14.57 -15.72 2.15
CA TYR A 131 13.73 -16.71 1.52
C TYR A 131 14.48 -17.36 0.35
N MET A 132 15.14 -16.54 -0.49
CA MET A 132 15.87 -17.03 -1.65
C MET A 132 17.04 -17.90 -1.23
N PHE A 133 17.78 -17.45 -0.22
CA PHE A 133 18.95 -18.17 0.30
C PHE A 133 18.58 -19.54 0.81
N LYS A 134 17.45 -19.66 1.51
CA LYS A 134 16.99 -20.96 2.02
C LYS A 134 16.74 -21.91 0.87
N GLY A 135 16.20 -21.39 -0.23
CA GLY A 135 15.93 -22.21 -1.41
C GLY A 135 17.22 -22.66 -2.05
N ILE A 136 18.25 -21.79 -2.00
CA ILE A 136 19.58 -22.08 -2.53
C ILE A 136 20.28 -23.13 -1.70
N ILE A 137 20.15 -23.05 -0.37
CA ILE A 137 20.72 -24.04 0.55
C ILE A 137 20.08 -25.40 0.29
N SER A 138 18.75 -25.44 0.11
CA SER A 138 18.03 -26.67 -0.18
C SER A 138 18.50 -27.27 -1.49
N PHE A 139 18.71 -26.41 -2.49
CA PHE A 139 19.20 -26.83 -3.80
C PHE A 139 20.51 -27.58 -3.66
N ALA A 140 21.48 -26.96 -3.00
CA ALA A 140 22.79 -27.56 -2.80
C ALA A 140 22.68 -28.88 -2.04
N LYS A 141 21.87 -28.91 -0.96
CA LYS A 141 21.67 -30.09 -0.12
C LYS A 141 21.24 -31.35 -0.86
N VAL A 142 20.40 -31.21 -1.87
CA VAL A 142 19.90 -32.38 -2.60
C VAL A 142 20.90 -32.90 -3.64
N ILE A 143 21.96 -32.14 -3.92
CA ILE A 143 22.97 -32.56 -4.88
C ILE A 143 23.97 -33.50 -4.23
N SER A 144 24.01 -34.76 -4.72
CA SER A 144 24.94 -35.78 -4.21
C SER A 144 26.37 -35.29 -4.15
N TYR A 145 26.86 -34.66 -5.22
CA TYR A 145 28.23 -34.14 -5.27
C TYR A 145 28.50 -33.13 -4.18
N PHE A 146 27.47 -32.37 -3.76
CA PHE A 146 27.61 -31.39 -2.71
C PHE A 146 27.62 -32.05 -1.33
N ARG A 147 26.71 -33.01 -1.10
CA ARG A 147 26.61 -33.72 0.17
C ARG A 147 27.87 -34.46 0.56
N ASP A 148 28.59 -35.02 -0.42
CA ASP A 148 29.84 -35.75 -0.17
C ASP A 148 30.97 -34.87 0.32
N LEU A 149 30.87 -33.56 0.07
CA LEU A 149 31.91 -32.63 0.50
C LEU A 149 31.88 -32.47 2.02
N PRO A 150 33.02 -32.12 2.65
CA PRO A 150 33.03 -31.88 4.10
C PRO A 150 32.07 -30.76 4.47
N ILE A 151 31.48 -30.82 5.67
CA ILE A 151 30.52 -29.82 6.15
C ILE A 151 31.08 -28.40 6.06
N GLU A 152 32.36 -28.24 6.36
CA GLU A 152 33.00 -26.94 6.34
C GLU A 152 33.06 -26.38 4.93
N ASP A 153 33.28 -27.28 3.93
CA ASP A 153 33.33 -26.89 2.53
C ASP A 153 31.96 -26.50 2.02
N GLN A 154 30.92 -27.23 2.45
CA GLN A 154 29.54 -26.95 2.10
C GLN A 154 29.20 -25.52 2.53
N ILE A 155 29.60 -25.17 3.76
CA ILE A 155 29.37 -23.85 4.31
C ILE A 155 30.13 -22.81 3.49
N SER A 156 31.40 -23.05 3.20
CA SER A 156 32.23 -22.10 2.45
C SER A 156 31.67 -21.87 1.04
N LEU A 157 31.24 -22.93 0.38
CA LEU A 157 30.68 -22.82 -0.97
C LEU A 157 29.36 -22.03 -1.00
N LEU A 158 28.50 -22.27 0.00
CA LEU A 158 27.22 -21.58 0.09
C LEU A 158 27.39 -20.12 0.39
N LYS A 159 28.33 -19.77 1.28
CA LYS A 159 28.60 -18.37 1.63
C LYS A 159 29.06 -17.62 0.39
N GLY A 160 29.93 -18.27 -0.39
CA GLY A 160 30.50 -17.68 -1.58
C GLY A 160 29.54 -17.52 -2.74
N ALA A 161 28.56 -18.42 -2.87
CA ALA A 161 27.67 -18.43 -4.01
C ALA A 161 26.21 -18.07 -3.77
N ALA A 162 25.77 -17.90 -2.51
CA ALA A 162 24.37 -17.55 -2.19
C ALA A 162 23.80 -16.38 -3.04
N PHE A 163 24.51 -15.24 -3.09
CA PHE A 163 24.07 -14.09 -3.88
C PHE A 163 23.94 -14.47 -5.36
N GLU A 164 24.96 -15.16 -5.88
CA GLU A 164 25.02 -15.56 -7.28
C GLU A 164 23.90 -16.48 -7.73
N LEU A 165 23.65 -17.54 -6.97
CA LEU A 165 22.58 -18.48 -7.29
C LEU A 165 21.23 -17.78 -7.20
N CYS A 166 21.07 -16.85 -6.26
CA CYS A 166 19.85 -16.07 -6.13
C CYS A 166 19.57 -15.24 -7.34
N GLN A 167 20.61 -14.56 -7.86
CA GLN A 167 20.46 -13.71 -9.03
C GLN A 167 20.18 -14.52 -10.29
N LEU A 168 20.74 -15.72 -10.37
CA LEU A 168 20.48 -16.61 -11.52
C LEU A 168 19.04 -17.06 -11.51
N ARG A 169 18.49 -17.34 -10.32
CA ARG A 169 17.09 -17.70 -10.18
C ARG A 169 16.21 -16.49 -10.47
N PHE A 170 16.58 -15.31 -9.97
CA PHE A 170 15.80 -14.10 -10.25
C PHE A 170 15.76 -13.81 -11.74
N ASN A 171 16.84 -14.12 -12.45
CA ASN A 171 16.83 -13.89 -13.89
C ASN A 171 15.74 -14.65 -14.61
N THR A 172 15.40 -15.85 -14.14
CA THR A 172 14.35 -16.65 -14.79
C THR A 172 12.96 -16.04 -14.61
N VAL A 173 12.78 -15.18 -13.61
CA VAL A 173 11.48 -14.51 -13.42
C VAL A 173 11.54 -13.06 -13.84
N PHE A 174 12.63 -12.65 -14.49
CA PHE A 174 12.80 -11.28 -14.96
C PHE A 174 12.17 -11.08 -16.32
N ASN A 175 11.28 -10.08 -16.43
CA ASN A 175 10.61 -9.75 -17.69
C ASN A 175 11.39 -8.58 -18.27
N ALA A 176 12.20 -8.85 -19.29
CA ALA A 176 13.02 -7.81 -19.93
C ALA A 176 12.18 -6.76 -20.66
N GLU A 177 10.96 -7.10 -21.09
CA GLU A 177 10.09 -6.16 -21.79
C GLU A 177 9.61 -5.07 -20.85
N THR A 178 9.29 -5.43 -19.61
CA THR A 178 8.78 -4.48 -18.62
C THR A 178 9.79 -4.07 -17.53
N GLY A 179 10.99 -4.64 -17.57
CA GLY A 179 11.99 -4.34 -16.54
C GLY A 179 11.49 -4.68 -15.13
N THR A 180 10.76 -5.79 -15.04
CA THR A 180 10.13 -6.25 -13.79
C THR A 180 10.47 -7.71 -13.45
N TRP A 181 10.73 -7.97 -12.17
CA TRP A 181 10.91 -9.31 -11.67
C TRP A 181 9.55 -9.75 -11.20
N GLU A 182 8.98 -10.75 -11.85
CA GLU A 182 7.66 -11.25 -11.56
C GLU A 182 7.73 -12.42 -10.60
N CYS A 183 7.56 -12.14 -9.31
CA CYS A 183 7.68 -13.10 -8.23
C CYS A 183 6.31 -13.49 -7.69
N GLY A 184 5.57 -14.26 -8.46
CA GLY A 184 4.25 -14.69 -8.06
C GLY A 184 3.30 -13.50 -7.98
N ARG A 185 2.75 -13.25 -6.78
CA ARG A 185 1.84 -12.12 -6.55
C ARG A 185 2.61 -10.83 -6.32
N LEU A 186 3.94 -10.92 -6.18
CA LEU A 186 4.80 -9.78 -5.97
C LEU A 186 5.50 -9.43 -7.28
N SER A 187 5.69 -8.14 -7.54
CA SER A 187 6.40 -7.64 -8.72
C SER A 187 7.31 -6.50 -8.30
N TYR A 188 8.53 -6.50 -8.81
CA TYR A 188 9.50 -5.46 -8.50
C TYR A 188 9.87 -4.82 -9.82
N CYS A 189 9.53 -3.55 -9.99
CA CYS A 189 9.80 -2.84 -11.23
C CYS A 189 10.88 -1.77 -11.01
N LEU A 190 11.82 -1.66 -11.92
CA LEU A 190 12.84 -0.62 -11.74
C LEU A 190 12.28 0.75 -12.07
N GLU A 191 12.65 1.76 -11.27
CA GLU A 191 12.22 3.12 -11.51
C GLU A 191 13.26 3.89 -12.33
N ASP A 192 12.95 4.04 -13.62
CA ASP A 192 13.76 4.71 -14.64
C ASP A 192 14.27 6.07 -14.21
N THR A 193 15.51 6.40 -14.61
CA THR A 193 16.11 7.72 -14.34
C THR A 193 16.27 8.51 -15.65
N ALA A 194 16.47 9.84 -15.53
CA ALA A 194 16.61 10.70 -16.70
C ALA A 194 17.97 10.49 -17.35
N GLN A 198 19.86 2.36 -21.60
CA GLN A 198 21.28 2.68 -21.47
C GLN A 198 21.62 3.29 -20.12
N GLN A 199 20.66 4.05 -19.55
CA GLN A 199 20.78 4.68 -18.22
C GLN A 199 20.91 3.59 -17.17
N LEU A 200 19.97 2.63 -17.21
CA LEU A 200 19.90 1.46 -16.34
C LEU A 200 21.09 0.55 -16.58
N LEU A 201 21.50 0.41 -17.84
CA LEU A 201 22.64 -0.42 -18.24
C LEU A 201 23.92 0.00 -17.51
N LEU A 202 23.87 1.16 -16.85
CA LEU A 202 25.00 1.62 -16.06
C LEU A 202 25.14 0.79 -14.78
N GLU A 203 24.01 0.38 -14.18
CA GLU A 203 24.03 -0.45 -12.99
C GLU A 203 24.43 -1.87 -13.41
N PRO A 204 25.62 -2.33 -12.95
CA PRO A 204 26.10 -3.67 -13.34
C PRO A 204 25.11 -4.83 -13.18
N MET A 205 24.41 -4.89 -12.05
CA MET A 205 23.42 -5.94 -11.82
C MET A 205 22.26 -5.86 -12.79
N LEU A 206 21.83 -4.65 -13.13
CA LEU A 206 20.73 -4.46 -14.08
C LEU A 206 21.17 -4.87 -15.47
N LYS A 207 22.37 -4.45 -15.90
CA LYS A 207 22.93 -4.80 -17.19
C LYS A 207 23.08 -6.32 -17.27
N PHE A 208 23.49 -6.95 -16.15
CA PHE A 208 23.63 -8.38 -16.07
C PHE A 208 22.30 -9.08 -16.42
N HIS A 209 21.22 -8.65 -15.78
CA HIS A 209 19.93 -9.28 -16.00
C HIS A 209 19.46 -9.17 -17.44
N TYR A 210 19.61 -7.99 -18.06
CA TYR A 210 19.19 -7.84 -19.47
C TYR A 210 20.05 -8.67 -20.37
N MET A 211 21.37 -8.68 -20.15
CA MET A 211 22.29 -9.44 -20.98
C MET A 211 22.05 -10.94 -20.87
N LEU A 212 21.86 -11.44 -19.64
CA LEU A 212 21.59 -12.87 -19.46
C LEU A 212 20.26 -13.27 -20.07
N LYS A 213 19.24 -12.45 -19.90
CA LYS A 213 17.92 -12.75 -20.45
C LYS A 213 17.95 -12.83 -21.95
N LYS A 214 18.77 -11.98 -22.58
CA LYS A 214 18.90 -11.91 -24.04
C LYS A 214 19.45 -13.20 -24.64
N LEU A 215 20.17 -13.98 -23.82
CA LEU A 215 20.73 -15.26 -24.28
C LEU A 215 19.68 -16.33 -24.43
N GLN A 216 18.48 -16.11 -23.85
CA GLN A 216 17.36 -17.05 -23.89
C GLN A 216 17.78 -18.48 -23.55
N LEU A 217 18.37 -18.65 -22.37
CA LEU A 217 18.82 -19.96 -21.90
C LEU A 217 17.70 -20.91 -21.52
N HIS A 218 17.99 -22.20 -21.59
CA HIS A 218 17.08 -23.27 -21.21
C HIS A 218 17.22 -23.48 -19.73
N GLU A 219 16.24 -24.17 -19.11
CA GLU A 219 16.29 -24.48 -17.68
C GLU A 219 17.59 -25.21 -17.37
N GLU A 220 17.98 -26.14 -18.26
CA GLU A 220 19.18 -26.96 -18.11
C GLU A 220 20.44 -26.11 -18.05
N GLU A 221 20.51 -25.08 -18.87
CA GLU A 221 21.66 -24.18 -18.89
C GLU A 221 21.71 -23.33 -17.63
N TYR A 222 20.54 -22.88 -17.13
CA TYR A 222 20.52 -22.11 -15.88
C TYR A 222 21.00 -22.98 -14.72
N VAL A 223 20.51 -24.20 -14.64
CA VAL A 223 20.89 -25.07 -13.53
C VAL A 223 22.39 -25.44 -13.58
N LEU A 224 22.94 -25.59 -14.79
CA LEU A 224 24.37 -25.90 -14.92
C LEU A 224 25.17 -24.68 -14.54
N MET A 225 24.67 -23.47 -14.83
CA MET A 225 25.31 -22.21 -14.39
C MET A 225 25.34 -22.17 -12.87
N GLN A 226 24.22 -22.55 -12.22
CA GLN A 226 24.16 -22.56 -10.76
C GLN A 226 25.19 -23.52 -10.19
N ALA A 227 25.34 -24.69 -10.79
CA ALA A 227 26.30 -25.71 -10.35
C ALA A 227 27.74 -25.21 -10.50
N ILE A 228 28.07 -24.59 -11.65
CA ILE A 228 29.41 -24.05 -11.88
C ILE A 228 29.74 -22.99 -10.86
N SER A 229 28.79 -22.09 -10.56
CA SER A 229 28.97 -21.04 -9.55
C SER A 229 29.08 -21.65 -8.17
N LEU A 230 28.23 -22.64 -7.84
CA LEU A 230 28.25 -23.28 -6.52
C LEU A 230 29.58 -23.96 -6.28
N PHE A 231 30.04 -24.79 -7.22
CA PHE A 231 31.30 -25.52 -7.07
C PHE A 231 32.49 -24.70 -7.55
N SER A 232 32.70 -23.52 -6.97
CA SER A 232 33.82 -22.65 -7.31
C SER A 232 34.98 -23.01 -6.37
N PRO A 233 36.08 -23.58 -6.90
CA PRO A 233 37.21 -23.97 -6.04
C PRO A 233 37.94 -22.80 -5.38
N ASP A 234 37.83 -21.60 -5.94
CA ASP A 234 38.51 -20.41 -5.46
C ASP A 234 37.73 -19.56 -4.46
N ARG A 235 36.72 -20.13 -3.79
CA ARG A 235 35.99 -19.39 -2.76
C ARG A 235 36.86 -19.39 -1.50
N PRO A 236 36.93 -18.27 -0.75
CA PRO A 236 37.73 -18.27 0.48
C PRO A 236 37.22 -19.26 1.53
N GLY A 237 38.14 -20.10 2.02
CA GLY A 237 37.86 -21.09 3.05
C GLY A 237 37.72 -22.52 2.58
N VAL A 238 37.76 -22.75 1.25
CA VAL A 238 37.63 -24.10 0.70
C VAL A 238 38.90 -24.89 0.97
N LEU A 239 38.74 -26.14 1.43
CA LEU A 239 39.87 -27.01 1.71
C LEU A 239 40.06 -28.03 0.61
N GLN A 240 38.97 -28.60 0.12
CA GLN A 240 39.00 -29.59 -0.95
C GLN A 240 39.04 -28.96 -2.32
N HIS A 241 39.99 -28.02 -2.55
CA HIS A 241 40.19 -27.30 -3.80
C HIS A 241 40.24 -28.22 -5.01
N ARG A 242 40.98 -29.33 -4.90
CA ARG A 242 41.15 -30.33 -5.95
C ARG A 242 39.83 -30.93 -6.39
N VAL A 243 39.07 -31.48 -5.43
CA VAL A 243 37.78 -32.12 -5.72
C VAL A 243 36.77 -31.13 -6.31
N VAL A 244 36.68 -29.93 -5.72
CA VAL A 244 35.76 -28.89 -6.18
C VAL A 244 36.10 -28.47 -7.61
N ASP A 245 37.39 -28.18 -7.87
CA ASP A 245 37.84 -27.79 -9.21
C ASP A 245 37.46 -28.85 -10.23
N GLN A 246 37.62 -30.13 -9.86
CA GLN A 246 37.28 -31.26 -10.72
C GLN A 246 35.79 -31.35 -10.96
N LEU A 247 35.01 -31.06 -9.93
CA LEU A 247 33.55 -31.07 -10.07
C LEU A 247 33.11 -29.93 -10.98
N GLN A 248 33.65 -28.73 -10.77
CA GLN A 248 33.30 -27.58 -11.62
C GLN A 248 33.58 -27.88 -13.07
N GLU A 249 34.76 -28.46 -13.38
CA GLU A 249 35.15 -28.82 -14.74
C GLU A 249 34.15 -29.77 -15.37
N GLN A 250 33.70 -30.79 -14.64
CA GLN A 250 32.73 -31.75 -15.17
C GLN A 250 31.38 -31.09 -15.48
N PHE A 251 30.96 -30.13 -14.63
CA PHE A 251 29.72 -29.37 -14.88
C PHE A 251 29.92 -28.49 -16.10
N ALA A 252 31.09 -27.88 -16.24
CA ALA A 252 31.42 -27.01 -17.37
C ALA A 252 31.47 -27.79 -18.66
N ILE A 253 32.09 -29.00 -18.65
CA ILE A 253 32.13 -29.87 -19.83
C ILE A 253 30.73 -30.28 -20.21
N THR A 254 29.90 -30.59 -19.20
CA THR A 254 28.51 -30.98 -19.44
C THR A 254 27.74 -29.83 -20.12
N LEU A 255 27.95 -28.61 -19.63
CA LEU A 255 27.28 -27.45 -20.20
C LEU A 255 27.71 -27.23 -21.65
N LYS A 256 29.02 -27.24 -21.88
CA LYS A 256 29.59 -27.09 -23.21
C LYS A 256 29.01 -28.15 -24.17
N SER A 257 28.93 -29.42 -23.70
CA SER A 257 28.38 -30.52 -24.49
C SER A 257 26.91 -30.34 -24.78
N TYR A 258 26.13 -29.96 -23.75
CA TYR A 258 24.69 -29.73 -23.90
C TYR A 258 24.46 -28.70 -25.00
N ILE A 259 25.23 -27.63 -25.00
CA ILE A 259 25.10 -26.56 -26.00
C ILE A 259 25.44 -27.09 -27.40
N GLU A 260 26.53 -27.86 -27.51
CA GLU A 260 26.94 -28.44 -28.79
C GLU A 260 25.85 -29.36 -29.36
N CYS A 261 25.18 -30.15 -28.49
CA CYS A 261 24.13 -31.08 -28.91
C CYS A 261 22.79 -30.45 -29.18
N ASN A 262 22.40 -29.45 -28.37
CA ASN A 262 21.07 -28.88 -28.48
C ASN A 262 20.97 -27.59 -29.26
N ARG A 263 22.10 -26.99 -29.62
CA ARG A 263 21.96 -25.76 -30.36
C ARG A 263 22.62 -25.79 -31.72
N PRO A 264 21.72 -25.80 -32.75
CA PRO A 264 22.11 -25.81 -34.16
C PRO A 264 23.60 -25.54 -34.42
N GLN A 265 24.06 -24.26 -34.50
CA GLN A 265 25.48 -24.02 -34.71
C GLN A 265 25.87 -22.49 -34.71
N PRO A 266 26.23 -21.82 -35.87
CA PRO A 266 26.85 -20.50 -35.81
C PRO A 266 26.44 -19.51 -34.74
N ALA A 267 25.13 -19.26 -34.56
CA ALA A 267 24.70 -18.27 -33.60
C ALA A 267 25.07 -18.62 -32.17
N HIS A 268 25.22 -19.92 -31.89
CA HIS A 268 25.53 -20.38 -30.54
C HIS A 268 26.93 -20.90 -30.38
N ARG A 269 27.76 -20.64 -31.38
CA ARG A 269 29.15 -21.05 -31.39
C ARG A 269 29.93 -20.68 -30.13
N PHE A 270 29.74 -19.45 -29.62
CA PHE A 270 30.41 -19.00 -28.43
C PHE A 270 29.50 -18.87 -27.20
N LEU A 271 28.32 -19.51 -27.21
CA LEU A 271 27.37 -19.42 -26.10
C LEU A 271 27.99 -19.84 -24.77
N PHE A 272 28.67 -20.98 -24.77
CA PHE A 272 29.31 -21.47 -23.58
C PHE A 272 30.29 -20.44 -22.98
N LEU A 273 31.13 -19.85 -23.83
CA LEU A 273 32.07 -18.83 -23.37
C LEU A 273 31.37 -17.56 -22.89
N LYS A 274 30.26 -17.19 -23.52
CA LYS A 274 29.47 -16.03 -23.09
C LYS A 274 28.91 -16.29 -21.68
N ILE A 275 28.41 -17.50 -21.44
CA ILE A 275 27.91 -17.91 -20.12
C ILE A 275 29.00 -17.82 -19.08
N MET A 276 30.16 -18.39 -19.38
CA MET A 276 31.29 -18.40 -18.46
C MET A 276 31.74 -17.00 -18.16
N ALA A 277 31.69 -16.10 -19.15
CA ALA A 277 32.06 -14.69 -18.96
C ALA A 277 31.06 -14.01 -18.04
N MET A 278 29.79 -14.34 -18.18
CA MET A 278 28.75 -13.78 -17.33
C MET A 278 28.89 -14.21 -15.86
N LEU A 279 29.30 -15.46 -15.65
CA LEU A 279 29.55 -15.97 -14.32
C LEU A 279 30.68 -15.24 -13.65
N THR A 280 31.72 -14.89 -14.41
CA THR A 280 32.88 -14.15 -13.89
C THR A 280 32.41 -12.77 -13.47
N GLU A 281 31.57 -12.14 -14.30
CA GLU A 281 31.03 -10.81 -14.03
C GLU A 281 30.18 -10.83 -12.76
N LEU A 282 29.30 -11.81 -12.64
CA LEU A 282 28.45 -11.99 -11.48
C LEU A 282 29.27 -12.09 -10.21
N ARG A 283 30.41 -12.78 -10.26
CA ARG A 283 31.30 -12.92 -9.11
C ARG A 283 31.83 -11.56 -8.68
N SER A 284 32.11 -10.67 -9.64
CA SER A 284 32.59 -9.31 -9.35
C SER A 284 31.45 -8.49 -8.76
N ILE A 285 30.25 -8.65 -9.30
CA ILE A 285 29.07 -7.95 -8.79
C ILE A 285 28.79 -8.39 -7.36
N ASN A 286 28.96 -9.68 -7.07
CA ASN A 286 28.73 -10.26 -5.75
C ASN A 286 29.61 -9.55 -4.71
N ALA A 287 30.92 -9.45 -5.00
CA ALA A 287 31.89 -8.79 -4.12
C ALA A 287 31.51 -7.33 -3.84
N GLN A 288 31.08 -6.63 -4.89
CA GLN A 288 30.65 -5.23 -4.83
C GLN A 288 29.40 -5.05 -3.97
N HIS A 289 28.37 -5.90 -4.19
CA HIS A 289 27.12 -5.84 -3.42
C HIS A 289 27.38 -6.18 -1.96
N THR A 290 28.26 -7.17 -1.73
CA THR A 290 28.57 -7.58 -0.37
C THR A 290 29.14 -6.39 0.40
N GLN A 291 30.04 -5.63 -0.23
CA GLN A 291 30.65 -4.46 0.42
C GLN A 291 29.56 -3.46 0.77
N ARG A 292 28.62 -3.26 -0.16
CA ARG A 292 27.51 -2.34 0.05
C ARG A 292 26.72 -2.78 1.28
N LEU A 293 26.37 -4.07 1.35
CA LEU A 293 25.60 -4.64 2.45
C LEU A 293 26.25 -4.34 3.81
N LEU A 294 27.55 -4.63 3.92
CA LEU A 294 28.30 -4.44 5.16
C LEU A 294 28.28 -3.00 5.61
N ARG A 295 28.46 -2.08 4.64
CA ARG A 295 28.45 -0.65 4.93
C ARG A 295 27.11 -0.24 5.52
N ILE A 296 26.00 -0.68 4.89
CA ILE A 296 24.65 -0.35 5.37
C ILE A 296 24.44 -0.96 6.74
N GLN A 297 24.80 -2.25 6.87
CA GLN A 297 24.65 -2.99 8.12
C GLN A 297 25.37 -2.27 9.26
N ASP A 298 26.56 -1.74 8.98
CA ASP A 298 27.39 -1.02 9.95
C ASP A 298 26.66 0.14 10.59
N ILE A 299 25.92 0.94 9.80
CA ILE A 299 25.19 2.13 10.21
C ILE A 299 23.74 1.86 10.55
N HIS A 300 23.12 0.90 9.87
CA HIS A 300 21.72 0.54 10.05
C HIS A 300 21.54 -0.98 9.94
N PRO A 301 21.77 -1.71 11.05
CA PRO A 301 21.61 -3.16 11.03
C PRO A 301 20.22 -3.59 10.59
N PHE A 302 20.16 -4.55 9.70
CA PHE A 302 18.87 -5.04 9.20
C PHE A 302 18.91 -6.49 8.72
N ALA A 303 20.13 -7.02 8.54
CA ALA A 303 20.32 -8.39 8.09
C ALA A 303 19.68 -9.37 9.07
N THR A 304 19.04 -10.40 8.54
CA THR A 304 18.44 -11.44 9.34
C THR A 304 19.59 -12.30 9.89
N PRO A 305 19.33 -13.17 10.87
CA PRO A 305 20.41 -14.04 11.37
C PRO A 305 21.05 -14.90 10.30
N LEU A 306 20.27 -15.45 9.35
CA LEU A 306 20.86 -16.26 8.25
C LEU A 306 21.80 -15.41 7.37
N MET A 307 21.38 -14.17 7.06
CA MET A 307 22.20 -13.26 6.26
C MET A 307 23.51 -12.91 6.97
N GLN A 308 23.43 -12.71 8.31
CA GLN A 308 24.62 -12.40 9.10
C GLN A 308 25.66 -13.52 8.94
N GLU A 309 25.19 -14.76 8.94
CA GLU A 309 26.08 -15.92 8.78
C GLU A 309 26.67 -16.00 7.37
N LEU A 310 25.81 -15.82 6.34
CA LEU A 310 26.23 -15.90 4.94
C LEU A 310 27.24 -14.84 4.52
N PHE A 311 27.10 -13.62 5.05
CA PHE A 311 28.00 -12.53 4.64
C PHE A 311 29.02 -12.09 5.71
N GLY A 312 29.19 -12.88 6.75
CA GLY A 312 30.15 -12.61 7.81
C GLY A 312 29.90 -11.35 8.64
N ILE A 313 28.70 -11.23 9.18
CA ILE A 313 28.33 -10.11 10.05
C ILE A 313 28.28 -10.64 11.48
N THR A 314 28.96 -9.98 12.42
CA THR A 314 28.93 -10.41 13.82
C THR A 314 27.61 -9.99 14.47
N GLN B 23 -23.79 46.45 1.80
CA GLN B 23 -22.62 45.94 2.53
C GLN B 23 -22.68 46.30 4.03
N GLY B 24 -23.15 45.36 4.84
CA GLY B 24 -23.24 45.49 6.29
C GLY B 24 -24.06 44.45 7.03
N LEU B 25 -23.40 43.63 7.86
CA LEU B 25 -24.06 42.62 8.68
C LEU B 25 -24.28 43.21 10.06
N THR B 26 -25.33 42.77 10.73
CA THR B 26 -25.62 43.21 12.09
C THR B 26 -24.52 42.70 13.00
N GLU B 27 -24.36 43.32 14.16
CA GLU B 27 -23.37 42.92 15.14
C GLU B 27 -23.65 41.51 15.60
N GLU B 28 -24.94 41.15 15.72
CA GLU B 28 -25.39 39.82 16.16
C GLU B 28 -25.03 38.78 15.09
N GLN B 29 -25.10 39.17 13.82
CA GLN B 29 -24.77 38.28 12.70
C GLN B 29 -23.28 38.04 12.63
N ARG B 30 -22.49 39.12 12.79
CA ARG B 30 -21.03 39.04 12.79
C ARG B 30 -20.54 38.11 13.90
N MET B 31 -21.17 38.17 15.07
CA MET B 31 -20.81 37.33 16.22
C MET B 31 -21.19 35.88 15.98
N MET B 32 -22.32 35.66 15.31
CA MET B 32 -22.81 34.32 15.00
C MET B 32 -21.82 33.62 14.07
N ILE B 33 -21.40 34.31 12.99
CA ILE B 33 -20.44 33.79 12.03
C ILE B 33 -19.12 33.53 12.72
N ARG B 34 -18.69 34.46 13.56
CA ARG B 34 -17.43 34.35 14.28
C ARG B 34 -17.39 33.11 15.13
N GLU B 35 -18.45 32.85 15.88
CA GLU B 35 -18.50 31.67 16.71
C GLU B 35 -18.46 30.40 15.87
N LEU B 36 -19.24 30.38 14.78
CA LEU B 36 -19.28 29.24 13.86
C LEU B 36 -17.91 28.97 13.28
N MET B 37 -17.24 30.02 12.78
CA MET B 37 -15.91 29.91 12.19
C MET B 37 -14.90 29.43 13.23
N ASP B 38 -15.01 29.93 14.46
CA ASP B 38 -14.14 29.55 15.58
C ASP B 38 -14.36 28.07 15.90
N ALA B 39 -15.61 27.63 15.92
CA ALA B 39 -15.96 26.22 16.14
C ALA B 39 -15.38 25.32 15.05
N GLN B 40 -15.48 25.76 13.81
CA GLN B 40 -14.97 25.03 12.66
C GLN B 40 -13.47 24.87 12.75
N MET B 41 -12.75 25.98 12.98
CA MET B 41 -11.30 25.96 13.11
C MET B 41 -10.84 25.03 14.23
N LYS B 42 -11.57 25.02 15.34
CA LYS B 42 -11.20 24.19 16.49
C LYS B 42 -11.49 22.73 16.34
N THR B 43 -12.40 22.34 15.42
CA THR B 43 -12.84 20.94 15.32
C THR B 43 -12.68 20.29 13.97
N PHE B 44 -12.15 21.03 13.00
CA PHE B 44 -11.94 20.47 11.66
C PHE B 44 -10.46 20.38 11.38
N ASP B 45 -9.90 19.21 11.54
CA ASP B 45 -8.49 18.91 11.28
C ASP B 45 -8.43 18.70 9.78
N THR B 46 -8.25 19.79 9.04
CA THR B 46 -8.24 19.76 7.58
C THR B 46 -7.08 18.96 7.00
N THR B 47 -6.02 18.75 7.77
CA THR B 47 -4.86 17.97 7.32
C THR B 47 -5.00 16.53 7.77
N PHE B 48 -6.08 16.18 8.48
CA PHE B 48 -6.32 14.84 8.96
C PHE B 48 -5.07 14.28 9.67
N SER B 49 -4.28 15.15 10.30
CA SER B 49 -3.06 14.72 10.97
C SER B 49 -3.31 13.84 12.18
N HIS B 50 -4.53 13.88 12.72
CA HIS B 50 -4.90 13.09 13.89
C HIS B 50 -5.72 11.85 13.54
N PHE B 51 -5.85 11.54 12.25
CA PHE B 51 -6.54 10.34 11.79
C PHE B 51 -5.48 9.26 11.63
N LYS B 52 -5.43 8.35 12.57
CA LYS B 52 -4.45 7.28 12.56
C LYS B 52 -4.99 6.04 13.19
N ASN B 53 -4.23 4.94 13.04
CA ASN B 53 -4.55 3.62 13.58
C ASN B 53 -5.82 3.07 12.93
N PHE B 54 -6.09 3.48 11.69
CA PHE B 54 -7.26 3.03 10.96
C PHE B 54 -6.95 1.71 10.25
N ARG B 55 -8.00 0.95 9.92
CA ARG B 55 -7.86 -0.29 9.21
C ARG B 55 -7.65 -0.03 7.72
N LEU B 56 -6.99 -0.98 7.08
CA LEU B 56 -6.68 -0.91 5.66
C LEU B 56 -6.99 -2.24 5.02
N PRO B 57 -7.40 -2.25 3.74
CA PRO B 57 -7.70 -3.53 3.09
C PRO B 57 -6.47 -4.42 3.11
N GLY B 58 -6.67 -5.70 3.37
CA GLY B 58 -5.59 -6.69 3.45
C GLY B 58 -4.64 -6.64 2.27
N VAL B 59 -3.40 -7.04 2.51
CA VAL B 59 -2.35 -7.01 1.48
C VAL B 59 -2.32 -8.29 0.58
N SER B 74 -30.69 -19.51 -0.77
CA SER B 74 -32.07 -19.51 -1.24
C SER B 74 -32.28 -18.59 -2.46
N ARG B 75 -33.23 -17.62 -2.40
CA ARG B 75 -33.52 -16.69 -3.49
C ARG B 75 -33.69 -15.27 -2.98
N GLU B 76 -34.47 -15.10 -1.91
CA GLU B 76 -34.69 -13.78 -1.32
C GLU B 76 -33.39 -13.22 -0.75
N GLU B 77 -32.65 -14.08 -0.05
CA GLU B 77 -31.37 -13.72 0.53
C GLU B 77 -30.44 -13.22 -0.57
N ALA B 78 -30.33 -13.96 -1.68
CA ALA B 78 -29.49 -13.60 -2.82
C ALA B 78 -29.93 -12.26 -3.40
N ALA B 79 -31.25 -11.98 -3.38
CA ALA B 79 -31.79 -10.71 -3.87
C ALA B 79 -31.20 -9.55 -3.11
N LYS B 80 -30.98 -9.72 -1.80
CA LYS B 80 -30.36 -8.69 -0.96
C LYS B 80 -28.96 -8.36 -1.51
N TRP B 81 -28.18 -9.42 -1.83
CA TRP B 81 -26.83 -9.28 -2.38
C TRP B 81 -26.81 -8.50 -3.67
N SER B 82 -27.74 -8.80 -4.59
CA SER B 82 -27.81 -8.10 -5.87
C SER B 82 -27.98 -6.61 -5.60
N GLN B 83 -28.80 -6.27 -4.60
CA GLN B 83 -29.05 -4.90 -4.21
C GLN B 83 -27.81 -4.27 -3.59
N VAL B 84 -27.18 -4.98 -2.64
CA VAL B 84 -25.96 -4.50 -1.97
C VAL B 84 -24.87 -4.20 -2.99
N ARG B 85 -24.69 -5.07 -3.99
CA ARG B 85 -23.68 -4.88 -5.03
C ARG B 85 -23.96 -3.61 -5.82
N LYS B 86 -25.25 -3.28 -5.98
CA LYS B 86 -25.66 -2.07 -6.68
C LYS B 86 -25.41 -0.84 -5.80
N ASP B 87 -25.50 -0.99 -4.47
CA ASP B 87 -25.27 0.13 -3.55
C ASP B 87 -23.80 0.48 -3.38
N LEU B 88 -22.88 -0.41 -3.80
CA LEU B 88 -21.42 -0.21 -3.72
C LEU B 88 -20.85 0.43 -5.01
N CYS B 89 -21.70 0.55 -6.05
CA CYS B 89 -21.41 1.25 -7.31
C CYS B 89 -22.42 2.40 -7.46
N SER B 90 -21.97 3.64 -7.61
CA SER B 90 -20.56 3.97 -7.73
C SER B 90 -19.97 4.62 -6.49
N LEU B 91 -19.60 3.78 -5.52
CA LEU B 91 -18.89 4.26 -4.34
C LEU B 91 -17.39 4.18 -4.58
N LYS B 92 -16.96 3.20 -5.42
CA LYS B 92 -15.58 2.78 -5.75
C LYS B 92 -14.59 3.92 -5.89
N VAL B 93 -13.61 3.85 -5.02
CA VAL B 93 -12.49 4.78 -4.95
C VAL B 93 -11.22 3.97 -4.74
N SER B 94 -10.15 4.48 -5.29
CA SER B 94 -8.83 3.95 -5.08
C SER B 94 -8.30 4.78 -3.90
N LEU B 95 -7.33 4.25 -3.19
CA LEU B 95 -6.80 4.91 -2.02
C LEU B 95 -5.30 5.15 -2.15
N GLN B 96 -4.83 6.34 -1.76
CA GLN B 96 -3.41 6.68 -1.80
C GLN B 96 -2.95 7.18 -0.45
N LEU B 97 -1.84 6.65 0.04
CA LEU B 97 -1.23 7.02 1.31
C LEU B 97 0.19 7.53 1.06
N ARG B 98 0.40 8.84 1.25
CA ARG B 98 1.70 9.47 1.07
C ARG B 98 2.42 9.53 2.40
N GLY B 99 3.54 8.86 2.50
CA GLY B 99 4.32 8.89 3.73
C GLY B 99 5.06 10.21 3.86
N GLU B 100 5.42 10.59 5.10
CA GLU B 100 6.19 11.81 5.38
C GLU B 100 7.49 11.82 4.57
N ASP B 101 8.14 10.64 4.54
CA ASP B 101 9.39 10.42 3.84
C ASP B 101 9.32 10.64 2.35
N GLY B 102 8.13 10.77 1.80
CA GLY B 102 7.95 10.97 0.37
C GLY B 102 7.47 9.75 -0.39
N SER B 103 7.45 8.58 0.27
CA SER B 103 6.98 7.33 -0.34
C SER B 103 5.48 7.36 -0.56
N VAL B 104 4.98 6.47 -1.43
CA VAL B 104 3.56 6.40 -1.73
C VAL B 104 3.04 4.96 -1.82
N TRP B 105 1.99 4.64 -1.06
CA TRP B 105 1.29 3.37 -1.15
C TRP B 105 -0.01 3.66 -1.89
N ASN B 106 -0.33 2.87 -2.89
CA ASN B 106 -1.55 3.04 -3.63
C ASN B 106 -2.35 1.74 -3.63
N TYR B 107 -3.64 1.82 -3.30
CA TYR B 107 -4.53 0.66 -3.29
C TYR B 107 -5.61 0.78 -4.34
N LYS B 108 -5.67 -0.21 -5.24
CA LYS B 108 -6.69 -0.29 -6.26
C LYS B 108 -7.66 -1.39 -5.84
N PRO B 109 -8.96 -1.08 -5.73
CA PRO B 109 -9.94 -2.10 -5.29
C PRO B 109 -10.17 -3.21 -6.32
N PRO B 110 -10.61 -4.40 -5.87
CA PRO B 110 -10.86 -5.49 -6.81
C PRO B 110 -12.16 -5.27 -7.58
N ALA B 111 -12.28 -5.86 -8.77
CA ALA B 111 -13.50 -5.77 -9.55
C ALA B 111 -14.54 -6.67 -8.92
N ASP B 112 -15.83 -6.39 -9.16
CA ASP B 112 -16.89 -7.22 -8.60
C ASP B 112 -16.83 -8.60 -9.23
N SER B 113 -16.31 -9.56 -8.48
CA SER B 113 -16.16 -10.93 -8.95
C SER B 113 -17.12 -11.88 -8.20
N GLY B 114 -18.18 -11.29 -7.63
CA GLY B 114 -19.26 -11.95 -6.90
C GLY B 114 -18.94 -12.59 -5.56
N GLY B 115 -18.72 -11.78 -4.53
CA GLY B 115 -18.46 -12.31 -3.21
C GLY B 115 -18.47 -11.28 -2.10
N LYS B 116 -17.34 -11.23 -1.38
CA LYS B 116 -17.07 -10.38 -0.23
C LYS B 116 -15.89 -9.44 -0.47
N GLU B 117 -15.26 -9.53 -1.64
CA GLU B 117 -14.14 -8.69 -2.07
C GLU B 117 -14.62 -7.25 -2.17
N ILE B 118 -15.92 -7.09 -2.44
CA ILE B 118 -16.56 -5.78 -2.57
C ILE B 118 -16.62 -5.06 -1.22
N PHE B 119 -16.31 -5.77 -0.14
CA PHE B 119 -16.34 -5.20 1.21
C PHE B 119 -14.96 -4.93 1.80
N SER B 120 -13.92 -5.10 0.97
CA SER B 120 -12.52 -4.87 1.35
C SER B 120 -12.24 -3.49 1.99
N LEU B 121 -12.92 -2.44 1.52
CA LEU B 121 -12.70 -1.07 1.99
C LEU B 121 -13.67 -0.62 3.10
N LEU B 122 -14.68 -1.43 3.44
CA LEU B 122 -15.66 -1.07 4.45
C LEU B 122 -15.06 -0.79 5.84
N PRO B 123 -14.17 -1.65 6.37
CA PRO B 123 -13.58 -1.34 7.67
C PRO B 123 -12.86 0.03 7.66
N HIS B 124 -12.09 0.33 6.61
CA HIS B 124 -11.40 1.62 6.50
C HIS B 124 -12.44 2.74 6.46
N MET B 125 -13.50 2.57 5.65
CA MET B 125 -14.57 3.55 5.51
C MET B 125 -15.21 3.83 6.85
N ALA B 126 -15.40 2.77 7.66
CA ALA B 126 -16.01 2.89 8.96
C ALA B 126 -15.13 3.72 9.88
N ASP B 127 -13.81 3.53 9.82
CA ASP B 127 -12.88 4.30 10.62
C ASP B 127 -12.84 5.77 10.18
N MET B 128 -12.85 6.03 8.87
CA MET B 128 -12.82 7.40 8.37
C MET B 128 -14.10 8.14 8.77
N SER B 129 -15.25 7.50 8.59
CA SER B 129 -16.54 8.08 8.92
C SER B 129 -16.64 8.38 10.41
N THR B 130 -16.15 7.46 11.24
CA THR B 130 -16.18 7.60 12.69
C THR B 130 -15.32 8.80 13.09
N TYR B 131 -14.16 8.91 12.46
CA TYR B 131 -13.25 10.03 12.70
C TYR B 131 -13.96 11.35 12.35
N MET B 132 -14.66 11.38 11.22
CA MET B 132 -15.37 12.57 10.78
C MET B 132 -16.49 12.92 11.72
N PHE B 133 -17.25 11.90 12.14
CA PHE B 133 -18.39 12.07 13.05
C PHE B 133 -17.96 12.66 14.36
N LYS B 134 -16.79 12.23 14.88
CA LYS B 134 -16.29 12.77 16.15
C LYS B 134 -15.99 14.26 16.00
N GLY B 135 -15.48 14.66 14.84
CA GLY B 135 -15.17 16.06 14.57
C GLY B 135 -16.44 16.88 14.49
N ILE B 136 -17.51 16.26 13.95
CA ILE B 136 -18.83 16.88 13.82
C ILE B 136 -19.48 17.05 15.19
N ILE B 137 -19.31 16.07 16.07
CA ILE B 137 -19.83 16.12 17.44
C ILE B 137 -19.14 17.25 18.18
N SER B 138 -17.81 17.36 18.01
CA SER B 138 -17.02 18.41 18.65
C SER B 138 -17.46 19.78 18.17
N PHE B 139 -17.76 19.88 16.87
CA PHE B 139 -18.22 21.12 16.27
C PHE B 139 -19.48 21.58 16.96
N ALA B 140 -20.45 20.67 17.09
CA ALA B 140 -21.73 20.97 17.71
C ALA B 140 -21.55 21.37 19.16
N LYS B 141 -20.71 20.65 19.89
CA LYS B 141 -20.42 20.90 21.32
C LYS B 141 -19.92 22.29 21.65
N VAL B 142 -19.11 22.88 20.78
CA VAL B 142 -18.56 24.21 21.05
C VAL B 142 -19.54 25.33 20.74
N ILE B 143 -20.65 25.03 20.07
CA ILE B 143 -21.64 26.05 19.73
C ILE B 143 -22.58 26.27 20.92
N SER B 144 -22.56 27.48 21.48
CA SER B 144 -23.42 27.90 22.61
C SER B 144 -24.88 27.55 22.39
N TYR B 145 -25.45 27.91 21.23
CA TYR B 145 -26.85 27.61 20.91
C TYR B 145 -27.15 26.11 20.99
N PHE B 146 -26.15 25.27 20.69
CA PHE B 146 -26.32 23.82 20.75
C PHE B 146 -26.28 23.31 22.20
N ARG B 147 -25.30 23.81 22.97
CA ARG B 147 -25.12 23.41 24.37
C ARG B 147 -26.33 23.72 25.25
N ASP B 148 -27.05 24.82 24.96
CA ASP B 148 -28.24 25.21 25.71
C ASP B 148 -29.40 24.26 25.50
N LEU B 149 -29.40 23.50 24.41
CA LEU B 149 -30.47 22.55 24.14
C LEU B 149 -30.40 21.37 25.11
N PRO B 150 -31.56 20.72 25.38
CA PRO B 150 -31.56 19.52 26.25
C PRO B 150 -30.66 18.44 25.66
N ILE B 151 -30.07 17.59 26.52
CA ILE B 151 -29.19 16.50 26.08
C ILE B 151 -29.84 15.60 25.04
N GLU B 152 -31.15 15.37 25.18
CA GLU B 152 -31.90 14.51 24.28
C GLU B 152 -31.96 15.10 22.88
N ASP B 153 -32.18 16.42 22.76
CA ASP B 153 -32.24 17.08 21.47
C ASP B 153 -30.88 17.15 20.82
N GLN B 154 -29.81 17.31 21.64
CA GLN B 154 -28.44 17.31 21.14
C GLN B 154 -28.18 15.99 20.43
N ILE B 155 -28.61 14.89 21.05
CA ILE B 155 -28.48 13.55 20.48
C ILE B 155 -29.29 13.43 19.20
N SER B 156 -30.53 13.86 19.25
CA SER B 156 -31.43 13.77 18.08
C SER B 156 -30.89 14.57 16.89
N LEU B 157 -30.38 15.78 17.17
CA LEU B 157 -29.84 16.63 16.11
C LEU B 157 -28.59 16.04 15.47
N LEU B 158 -27.70 15.46 16.30
CA LEU B 158 -26.48 14.85 15.83
C LEU B 158 -26.73 13.63 15.00
N LYS B 159 -27.70 12.80 15.41
CA LYS B 159 -28.05 11.60 14.67
C LYS B 159 -28.56 11.98 13.30
N GLY B 160 -29.39 13.01 13.25
CA GLY B 160 -29.99 13.45 12.02
C GLY B 160 -29.06 14.14 11.05
N ALA B 161 -28.02 14.81 11.55
CA ALA B 161 -27.14 15.60 10.70
C ALA B 161 -25.71 15.11 10.53
N ALA B 162 -25.26 14.10 11.29
CA ALA B 162 -23.88 13.58 11.19
C ALA B 162 -23.42 13.31 9.75
N PHE B 163 -24.20 12.61 8.93
CA PHE B 163 -23.86 12.33 7.54
C PHE B 163 -23.70 13.63 6.76
N GLU B 164 -24.68 14.52 6.89
CA GLU B 164 -24.73 15.79 6.19
C GLU B 164 -23.55 16.69 6.47
N LEU B 165 -23.23 16.89 7.74
CA LEU B 165 -22.10 17.74 8.13
C LEU B 165 -20.79 17.13 7.64
N CYS B 166 -20.67 15.80 7.70
CA CYS B 166 -19.48 15.11 7.17
C CYS B 166 -19.27 15.38 5.70
N GLN B 167 -20.34 15.28 4.92
CA GLN B 167 -20.26 15.50 3.47
C GLN B 167 -19.94 16.93 3.12
N LEU B 168 -20.45 17.88 3.91
CA LEU B 168 -20.15 19.30 3.70
C LEU B 168 -18.67 19.55 3.94
N ARG B 169 -18.10 18.91 4.97
CA ARG B 169 -16.68 19.03 5.26
C ARG B 169 -15.86 18.35 4.18
N PHE B 170 -16.29 17.16 3.72
CA PHE B 170 -15.58 16.46 2.64
C PHE B 170 -15.57 17.27 1.38
N ASN B 171 -16.64 18.00 1.13
CA ASN B 171 -16.68 18.83 -0.08
C ASN B 171 -15.55 19.86 -0.12
N THR B 172 -15.15 20.40 1.04
CA THR B 172 -14.09 21.41 1.08
C THR B 172 -12.72 20.84 0.73
N VAL B 173 -12.55 19.50 0.84
CA VAL B 173 -11.28 18.88 0.49
C VAL B 173 -11.40 18.15 -0.83
N PHE B 174 -12.53 18.30 -1.53
CA PHE B 174 -12.78 17.64 -2.80
C PHE B 174 -12.17 18.42 -3.95
N ASN B 175 -11.36 17.75 -4.77
CA ASN B 175 -10.75 18.35 -5.94
C ASN B 175 -11.60 17.92 -7.13
N ALA B 176 -12.41 18.84 -7.65
CA ALA B 176 -13.29 18.53 -8.79
C ALA B 176 -12.51 18.26 -10.08
N GLU B 177 -11.31 18.80 -10.21
CA GLU B 177 -10.49 18.59 -11.41
C GLU B 177 -10.01 17.15 -11.51
N THR B 178 -9.65 16.56 -10.37
CA THR B 178 -9.14 15.19 -10.34
C THR B 178 -10.13 14.15 -9.79
N GLY B 179 -11.31 14.59 -9.34
CA GLY B 179 -12.28 13.68 -8.74
C GLY B 179 -11.73 12.96 -7.53
N THR B 180 -10.96 13.68 -6.72
CA THR B 180 -10.29 13.15 -5.53
C THR B 180 -10.55 13.96 -4.26
N TRP B 181 -10.79 13.28 -3.15
CA TRP B 181 -10.91 13.92 -1.84
C TRP B 181 -9.51 13.88 -1.25
N GLU B 182 -8.92 15.06 -1.07
CA GLU B 182 -7.56 15.20 -0.56
C GLU B 182 -7.57 15.38 0.94
N CYS B 183 -7.41 14.26 1.68
CA CYS B 183 -7.48 14.21 3.13
C CYS B 183 -6.09 14.09 3.77
N GLY B 184 -5.34 15.17 3.72
CA GLY B 184 -3.99 15.18 4.27
C GLY B 184 -3.09 14.25 3.48
N ARG B 185 -2.53 13.25 4.14
CA ARG B 185 -1.67 12.25 3.52
C ARG B 185 -2.48 11.16 2.79
N LEU B 186 -3.80 11.15 2.99
CA LEU B 186 -4.68 10.20 2.35
C LEU B 186 -5.40 10.88 1.19
N SER B 187 -5.62 10.16 0.09
CA SER B 187 -6.36 10.63 -1.07
C SER B 187 -7.28 9.53 -1.53
N TYR B 188 -8.52 9.89 -1.85
CA TYR B 188 -9.50 8.94 -2.35
C TYR B 188 -9.92 9.39 -3.72
N CYS B 189 -9.59 8.61 -4.73
CA CYS B 189 -9.86 8.96 -6.10
C CYS B 189 -10.94 8.11 -6.70
N LEU B 190 -11.92 8.79 -7.27
CA LEU B 190 -13.04 8.17 -7.97
C LEU B 190 -12.51 7.31 -9.13
N GLU B 191 -13.12 6.14 -9.32
CA GLU B 191 -12.72 5.24 -10.39
C GLU B 191 -13.19 5.72 -11.77
N ASP B 192 -12.21 5.96 -12.64
CA ASP B 192 -12.36 6.47 -14.00
C ASP B 192 -13.16 5.53 -14.93
N GLY B 196 -18.49 8.53 -18.81
CA GLY B 196 -17.82 9.72 -18.28
C GLY B 196 -18.61 10.45 -17.23
N PHE B 197 -18.47 11.78 -17.18
CA PHE B 197 -19.20 12.66 -16.24
C PHE B 197 -20.67 12.26 -16.13
N GLN B 198 -21.38 12.22 -17.27
CA GLN B 198 -22.79 11.82 -17.36
C GLN B 198 -23.09 10.55 -16.57
N GLN B 199 -22.12 9.62 -16.50
CA GLN B 199 -22.27 8.38 -15.76
C GLN B 199 -22.11 8.61 -14.28
N LEU B 200 -21.08 9.36 -13.87
CA LEU B 200 -20.85 9.66 -12.44
C LEU B 200 -21.94 10.53 -11.89
N LEU B 201 -22.37 11.53 -12.68
CA LEU B 201 -23.42 12.47 -12.29
C LEU B 201 -24.72 11.75 -12.00
N LEU B 202 -24.79 10.46 -12.33
CA LEU B 202 -25.96 9.65 -12.06
C LEU B 202 -26.04 9.33 -10.57
N GLU B 203 -24.87 9.17 -9.91
CA GLU B 203 -24.81 8.90 -8.48
C GLU B 203 -25.10 10.23 -7.75
N PRO B 204 -26.24 10.31 -7.02
CA PRO B 204 -26.61 11.56 -6.33
C PRO B 204 -25.53 12.20 -5.48
N MET B 205 -24.85 11.43 -4.64
CA MET B 205 -23.78 11.97 -3.79
C MET B 205 -22.63 12.54 -4.61
N LEU B 206 -22.30 11.89 -5.72
CA LEU B 206 -21.24 12.33 -6.60
C LEU B 206 -21.63 13.62 -7.28
N LYS B 207 -22.87 13.69 -7.80
CA LYS B 207 -23.41 14.88 -8.45
C LYS B 207 -23.44 16.03 -7.43
N PHE B 208 -23.81 15.72 -6.19
CA PHE B 208 -23.85 16.71 -5.12
C PHE B 208 -22.47 17.36 -4.95
N HIS B 209 -21.42 16.56 -4.85
CA HIS B 209 -20.08 17.09 -4.65
C HIS B 209 -19.62 17.99 -5.78
N TYR B 210 -19.87 17.58 -7.03
CA TYR B 210 -19.47 18.42 -8.18
C TYR B 210 -20.28 19.68 -8.22
N MET B 211 -21.59 19.59 -7.99
CA MET B 211 -22.47 20.77 -8.01
C MET B 211 -22.13 21.77 -6.91
N LEU B 212 -21.89 21.28 -5.69
CA LEU B 212 -21.54 22.17 -4.58
C LEU B 212 -20.18 22.81 -4.79
N LYS B 213 -19.22 22.05 -5.29
CA LYS B 213 -17.88 22.58 -5.53
C LYS B 213 -17.90 23.70 -6.56
N LYS B 214 -18.76 23.55 -7.59
CA LYS B 214 -18.90 24.54 -8.65
C LYS B 214 -19.35 25.89 -8.15
N LEU B 215 -20.02 25.93 -6.98
CA LEU B 215 -20.51 27.17 -6.41
C LEU B 215 -19.40 28.00 -5.82
N GLN B 216 -18.21 27.39 -5.59
CA GLN B 216 -17.05 28.06 -5.03
C GLN B 216 -17.40 28.85 -3.76
N LEU B 217 -17.95 28.15 -2.78
CA LEU B 217 -18.33 28.79 -1.51
C LEU B 217 -17.16 29.19 -0.63
N HIS B 218 -17.39 30.17 0.22
CA HIS B 218 -16.43 30.63 1.22
C HIS B 218 -16.56 29.74 2.44
N GLU B 219 -15.56 29.75 3.31
CA GLU B 219 -15.57 28.99 4.55
C GLU B 219 -16.81 29.35 5.34
N GLU B 220 -17.14 30.64 5.37
CA GLU B 220 -18.30 31.18 6.10
C GLU B 220 -19.60 30.57 5.63
N GLU B 221 -19.74 30.42 4.33
CA GLU B 221 -20.94 29.83 3.74
C GLU B 221 -21.05 28.35 4.06
N TYR B 222 -19.92 27.62 4.03
CA TYR B 222 -19.93 26.20 4.40
C TYR B 222 -20.33 26.03 5.85
N VAL B 223 -19.77 26.84 6.76
CA VAL B 223 -20.08 26.71 8.19
C VAL B 223 -21.55 27.05 8.47
N LEU B 224 -22.10 28.02 7.72
CA LEU B 224 -23.51 28.39 7.91
C LEU B 224 -24.39 27.27 7.39
N MET B 225 -23.96 26.58 6.31
CA MET B 225 -24.67 25.41 5.81
C MET B 225 -24.68 24.32 6.88
N GLN B 226 -23.52 24.10 7.54
CA GLN B 226 -23.45 23.09 8.59
C GLN B 226 -24.42 23.42 9.73
N ALA B 227 -24.49 24.69 10.14
CA ALA B 227 -25.37 25.14 11.21
C ALA B 227 -26.86 24.93 10.83
N ILE B 228 -27.23 25.30 9.58
CA ILE B 228 -28.61 25.12 9.09
C ILE B 228 -28.99 23.66 9.12
N SER B 229 -28.09 22.79 8.68
CA SER B 229 -28.33 21.36 8.67
C SER B 229 -28.39 20.82 10.11
N LEU B 230 -27.46 21.27 10.98
CA LEU B 230 -27.43 20.81 12.36
C LEU B 230 -28.73 21.16 13.08
N PHE B 231 -29.15 22.43 13.00
CA PHE B 231 -30.36 22.89 13.67
C PHE B 231 -31.60 22.68 12.82
N SER B 232 -31.86 21.42 12.44
CA SER B 232 -33.04 21.07 11.65
C SER B 232 -34.18 20.71 12.62
N PRO B 233 -35.26 21.54 12.66
CA PRO B 233 -36.36 21.27 13.61
C PRO B 233 -37.14 19.99 13.33
N ASP B 234 -37.10 19.49 12.11
CA ASP B 234 -37.86 18.33 11.67
C ASP B 234 -37.12 16.99 11.75
N ARG B 235 -36.06 16.89 12.58
CA ARG B 235 -35.38 15.62 12.78
C ARG B 235 -36.25 14.81 13.76
N PRO B 236 -36.40 13.49 13.56
CA PRO B 236 -37.22 12.70 14.50
C PRO B 236 -36.63 12.68 15.91
N GLY B 237 -37.48 12.94 16.91
CA GLY B 237 -37.10 12.93 18.32
C GLY B 237 -36.82 14.28 18.94
N VAL B 238 -36.86 15.36 18.16
CA VAL B 238 -36.61 16.70 18.68
C VAL B 238 -37.83 17.16 19.48
N LEU B 239 -37.61 17.69 20.69
CA LEU B 239 -38.71 18.15 21.50
C LEU B 239 -38.83 19.67 21.45
N GLN B 240 -37.68 20.36 21.45
CA GLN B 240 -37.64 21.81 21.37
C GLN B 240 -37.69 22.28 19.93
N HIS B 241 -38.58 21.66 19.14
CA HIS B 241 -38.87 21.94 17.72
C HIS B 241 -38.99 23.45 17.47
N ARG B 242 -39.51 24.21 18.47
CA ARG B 242 -39.72 25.65 18.35
C ARG B 242 -38.45 26.43 18.38
N VAL B 243 -37.64 26.23 19.42
CA VAL B 243 -36.35 26.91 19.57
C VAL B 243 -35.43 26.55 18.39
N VAL B 244 -35.39 25.28 18.00
CA VAL B 244 -34.56 24.80 16.89
C VAL B 244 -34.96 25.50 15.60
N ASP B 245 -36.27 25.58 15.33
CA ASP B 245 -36.78 26.22 14.12
C ASP B 245 -36.39 27.68 14.07
N GLN B 246 -36.42 28.34 15.23
CA GLN B 246 -36.07 29.74 15.37
C GLN B 246 -34.57 29.93 15.13
N LEU B 247 -33.76 28.98 15.62
CA LEU B 247 -32.32 29.03 15.43
C LEU B 247 -31.97 28.83 13.97
N GLN B 248 -32.59 27.83 13.33
CA GLN B 248 -32.33 27.58 11.90
C GLN B 248 -32.60 28.82 11.06
N GLU B 249 -33.73 29.50 11.31
CA GLU B 249 -34.11 30.71 10.60
C GLU B 249 -33.07 31.79 10.72
N GLN B 250 -32.56 32.01 11.94
CA GLN B 250 -31.53 33.03 12.18
C GLN B 250 -30.23 32.73 11.44
N PHE B 251 -29.85 31.43 11.37
CA PHE B 251 -28.66 31.03 10.62
C PHE B 251 -28.90 31.25 9.13
N ALA B 252 -30.13 30.95 8.66
CA ALA B 252 -30.50 31.15 7.24
C ALA B 252 -30.50 32.61 6.86
N ILE B 253 -31.05 33.47 7.74
CA ILE B 253 -31.06 34.93 7.51
C ILE B 253 -29.64 35.44 7.46
N THR B 254 -28.79 34.95 8.37
CA THR B 254 -27.39 35.34 8.41
C THR B 254 -26.68 34.95 7.10
N LEU B 255 -26.97 33.75 6.60
CA LEU B 255 -26.36 33.28 5.35
C LEU B 255 -26.77 34.16 4.19
N LYS B 256 -28.09 34.42 4.06
CA LYS B 256 -28.62 35.27 3.03
C LYS B 256 -27.96 36.68 3.08
N SER B 257 -27.82 37.24 4.29
CA SER B 257 -27.19 38.55 4.50
C SER B 257 -25.73 38.54 4.11
N TYR B 258 -24.99 37.51 4.54
CA TYR B 258 -23.58 37.38 4.20
C TYR B 258 -23.40 37.40 2.68
N ILE B 259 -24.23 36.66 1.97
CA ILE B 259 -24.16 36.59 0.51
C ILE B 259 -24.42 37.97 -0.10
N GLU B 260 -25.46 38.66 0.39
CA GLU B 260 -25.80 39.99 -0.10
C GLU B 260 -24.63 40.98 0.08
N CYS B 261 -23.95 40.92 1.24
CA CYS B 261 -22.84 41.81 1.56
C CYS B 261 -21.55 41.50 0.79
N ASN B 262 -21.34 40.26 0.35
CA ASN B 262 -20.08 39.89 -0.28
C ASN B 262 -20.14 39.32 -1.71
N ARG B 263 -21.33 39.06 -2.26
CA ARG B 263 -21.41 38.44 -3.59
C ARG B 263 -22.22 39.24 -4.65
N PRO B 264 -21.70 40.41 -5.06
CA PRO B 264 -22.40 41.20 -6.10
C PRO B 264 -22.28 40.66 -7.53
N GLN B 265 -21.25 39.85 -7.79
CA GLN B 265 -20.96 39.28 -9.10
C GLN B 265 -22.16 38.52 -9.66
N PRO B 266 -22.50 38.80 -10.93
CA PRO B 266 -23.63 38.09 -11.60
C PRO B 266 -23.49 36.57 -11.63
N ALA B 267 -22.30 36.06 -11.26
CA ALA B 267 -22.01 34.64 -11.20
C ALA B 267 -22.62 34.03 -9.94
N HIS B 268 -23.04 34.89 -8.99
CA HIS B 268 -23.63 34.45 -7.72
C HIS B 268 -25.10 34.76 -7.56
N ARG B 269 -25.84 34.97 -8.66
CA ARG B 269 -27.27 35.26 -8.60
C ARG B 269 -27.99 34.04 -8.09
N PHE B 270 -28.87 34.23 -7.12
CA PHE B 270 -29.68 33.15 -6.53
C PHE B 270 -28.86 32.18 -5.70
N LEU B 271 -27.65 32.57 -5.28
CA LEU B 271 -26.75 31.70 -4.52
C LEU B 271 -27.38 31.16 -3.26
N PHE B 272 -28.01 32.03 -2.47
CA PHE B 272 -28.66 31.61 -1.24
C PHE B 272 -29.69 30.52 -1.50
N LEU B 273 -30.54 30.74 -2.51
CA LEU B 273 -31.56 29.75 -2.87
C LEU B 273 -30.95 28.45 -3.39
N LYS B 274 -29.86 28.54 -4.12
CA LYS B 274 -29.19 27.33 -4.64
C LYS B 274 -28.65 26.53 -3.44
N ILE B 275 -28.05 27.21 -2.45
CA ILE B 275 -27.54 26.57 -1.25
C ILE B 275 -28.65 25.86 -0.49
N MET B 276 -29.76 26.56 -0.27
CA MET B 276 -30.90 26.00 0.44
C MET B 276 -31.45 24.79 -0.26
N ALA B 277 -31.49 24.83 -1.60
CA ALA B 277 -31.96 23.70 -2.41
C ALA B 277 -31.01 22.52 -2.27
N MET B 278 -29.71 22.79 -2.22
CA MET B 278 -28.70 21.75 -2.05
C MET B 278 -28.80 21.07 -0.70
N LEU B 279 -29.12 21.82 0.35
CA LEU B 279 -29.31 21.28 1.68
C LEU B 279 -30.52 20.33 1.73
N THR B 280 -31.57 20.66 0.98
CA THR B 280 -32.76 19.83 0.91
C THR B 280 -32.39 18.54 0.22
N GLU B 281 -31.61 18.63 -0.88
CA GLU B 281 -31.15 17.46 -1.62
C GLU B 281 -30.27 16.58 -0.74
N LEU B 282 -29.36 17.22 0.01
CA LEU B 282 -28.47 16.50 0.92
C LEU B 282 -29.25 15.68 1.96
N ARG B 283 -30.36 16.21 2.42
CA ARG B 283 -31.23 15.53 3.37
C ARG B 283 -31.84 14.28 2.73
N SER B 284 -32.19 14.36 1.42
CA SER B 284 -32.73 13.23 0.67
C SER B 284 -31.64 12.18 0.46
N ILE B 285 -30.42 12.63 0.14
CA ILE B 285 -29.29 11.74 -0.06
C ILE B 285 -28.95 11.01 1.25
N ASN B 286 -29.04 11.74 2.38
CA ASN B 286 -28.77 11.17 3.70
C ASN B 286 -29.67 9.97 3.96
N ALA B 287 -30.98 10.14 3.75
CA ALA B 287 -31.98 9.08 3.94
C ALA B 287 -31.67 7.86 3.05
N GLN B 288 -31.29 8.11 1.79
CA GLN B 288 -30.92 7.10 0.81
C GLN B 288 -29.67 6.33 1.21
N HIS B 289 -28.60 7.05 1.63
CA HIS B 289 -27.36 6.42 2.05
C HIS B 289 -27.57 5.66 3.34
N THR B 290 -28.41 6.17 4.23
CA THR B 290 -28.71 5.47 5.48
C THR B 290 -29.33 4.09 5.15
N GLN B 291 -30.25 4.01 4.16
CA GLN B 291 -30.88 2.76 3.73
C GLN B 291 -29.86 1.80 3.10
N ARG B 292 -28.81 2.31 2.38
CA ARG B 292 -27.72 1.46 1.84
C ARG B 292 -26.90 0.91 2.99
N LEU B 293 -26.58 1.78 3.99
CA LEU B 293 -25.77 1.37 5.14
C LEU B 293 -26.41 0.19 5.87
N LEU B 294 -27.70 0.29 6.21
CA LEU B 294 -28.44 -0.74 6.91
C LEU B 294 -28.46 -2.04 6.12
N ARG B 295 -28.68 -1.91 4.81
CA ARG B 295 -28.70 -3.04 3.90
C ARG B 295 -27.38 -3.79 3.92
N ILE B 296 -26.26 -3.06 3.79
CA ILE B 296 -24.94 -3.67 3.84
C ILE B 296 -24.68 -4.26 5.21
N GLN B 297 -24.99 -3.50 6.26
CA GLN B 297 -24.82 -3.92 7.64
C GLN B 297 -25.55 -5.25 7.89
N ASP B 298 -26.75 -5.37 7.34
CA ASP B 298 -27.61 -6.55 7.46
C ASP B 298 -26.89 -7.81 7.00
N ILE B 299 -26.20 -7.71 5.85
CA ILE B 299 -25.51 -8.87 5.31
C ILE B 299 -24.04 -8.94 5.73
N HIS B 300 -23.35 -7.82 5.84
CA HIS B 300 -21.95 -7.76 6.22
C HIS B 300 -21.75 -6.66 7.27
N PRO B 301 -21.94 -7.00 8.56
CA PRO B 301 -21.75 -6.00 9.63
C PRO B 301 -20.35 -5.41 9.64
N PHE B 302 -20.25 -4.10 9.78
CA PHE B 302 -18.96 -3.43 9.75
C PHE B 302 -18.97 -2.08 10.47
N ALA B 303 -20.18 -1.53 10.75
CA ALA B 303 -20.32 -0.26 11.43
C ALA B 303 -19.65 -0.29 12.80
N THR B 304 -18.95 0.78 13.15
CA THR B 304 -18.33 0.90 14.47
C THR B 304 -19.44 1.16 15.49
N PRO B 305 -19.14 1.02 16.80
CA PRO B 305 -20.18 1.30 17.81
C PRO B 305 -20.76 2.71 17.70
N LEU B 306 -19.94 3.76 17.43
CA LEU B 306 -20.47 5.12 17.26
C LEU B 306 -21.43 5.21 16.08
N MET B 307 -21.08 4.57 14.95
CA MET B 307 -21.95 4.53 13.78
C MET B 307 -23.27 3.84 14.06
N GLN B 308 -23.22 2.75 14.83
CA GLN B 308 -24.42 2.00 15.19
C GLN B 308 -25.38 2.90 15.94
N GLU B 309 -24.86 3.76 16.84
CA GLU B 309 -25.68 4.71 17.60
C GLU B 309 -26.26 5.79 16.70
N LEU B 310 -25.42 6.37 15.84
CA LEU B 310 -25.84 7.46 14.95
C LEU B 310 -26.91 7.06 13.94
N PHE B 311 -26.83 5.83 13.40
CA PHE B 311 -27.78 5.39 12.37
C PHE B 311 -28.81 4.34 12.82
N GLY B 312 -28.95 4.15 14.12
CA GLY B 312 -29.90 3.21 14.69
C GLY B 312 -29.72 1.75 14.32
N ILE B 313 -28.54 1.20 14.59
CA ILE B 313 -28.24 -0.21 14.34
C ILE B 313 -28.18 -0.91 15.71
N SER C 1 35.45 -24.38 14.08
CA SER C 1 35.22 -22.96 14.33
C SER C 1 34.27 -22.35 13.29
N LEU C 2 34.36 -22.82 12.03
CA LEU C 2 33.48 -22.35 10.97
C LEU C 2 32.05 -22.78 11.28
N THR C 3 31.82 -24.03 11.67
CA THR C 3 30.47 -24.49 12.00
C THR C 3 29.95 -23.70 13.18
N GLU C 4 30.80 -23.47 14.19
CA GLU C 4 30.50 -22.71 15.39
C GLU C 4 30.00 -21.30 15.04
N ARG C 5 30.59 -20.70 14.01
CA ARG C 5 30.20 -19.37 13.57
C ARG C 5 29.05 -19.38 12.56
N HIS C 6 28.51 -20.57 12.24
CA HIS C 6 27.43 -20.70 11.29
C HIS C 6 26.40 -21.76 11.72
N LYS C 7 25.86 -21.63 12.94
CA LYS C 7 24.92 -22.60 13.49
C LYS C 7 23.66 -22.77 12.68
N ILE C 8 23.08 -21.66 12.20
CA ILE C 8 21.86 -21.76 11.39
C ILE C 8 22.12 -22.53 10.11
N LEU C 9 23.15 -22.11 9.35
CA LEU C 9 23.54 -22.79 8.10
C LEU C 9 23.81 -24.25 8.38
N HIS C 10 24.55 -24.54 9.48
CA HIS C 10 24.83 -25.91 9.86
C HIS C 10 23.54 -26.69 10.11
N ARG C 11 22.60 -26.11 10.87
CA ARG C 11 21.30 -26.75 11.14
C ARG C 11 20.54 -27.03 9.85
N LEU C 12 20.47 -26.01 8.96
CA LEU C 12 19.75 -26.15 7.69
C LEU C 12 20.35 -27.22 6.81
N LEU C 13 21.68 -27.39 6.85
CA LEU C 13 22.38 -28.39 6.05
C LEU C 13 22.18 -29.82 6.56
N GLN C 14 21.79 -29.98 7.84
CA GLN C 14 21.61 -31.31 8.45
C GLN C 14 20.14 -31.76 8.56
N GLU C 15 19.27 -31.34 7.63
CA GLU C 15 17.85 -31.70 7.66
C GLU C 15 17.24 -31.77 6.26
N SER D 1 -35.65 8.17 26.84
CA SER D 1 -34.54 7.27 27.18
C SER D 1 -33.48 7.26 26.07
N LEU D 2 -33.34 8.38 25.36
CA LEU D 2 -32.36 8.52 24.28
C LEU D 2 -30.96 8.32 24.78
N THR D 3 -30.64 8.91 25.96
CA THR D 3 -29.32 8.83 26.59
C THR D 3 -28.89 7.41 26.82
N GLU D 4 -29.82 6.58 27.31
CA GLU D 4 -29.57 5.19 27.62
C GLU D 4 -29.25 4.35 26.38
N ARG D 5 -29.87 4.66 25.25
CA ARG D 5 -29.65 3.92 24.01
C ARG D 5 -28.49 4.47 23.17
N HIS D 6 -27.86 5.57 23.61
CA HIS D 6 -26.73 6.18 22.91
C HIS D 6 -25.64 6.55 23.88
N LYS D 7 -25.09 5.54 24.58
CA LYS D 7 -24.05 5.67 25.60
C LYS D 7 -22.86 6.50 25.13
N ILE D 8 -22.33 6.18 23.95
CA ILE D 8 -21.17 6.85 23.36
C ILE D 8 -21.44 8.32 23.14
N LEU D 9 -22.51 8.65 22.41
CA LEU D 9 -22.89 10.04 22.17
C LEU D 9 -23.05 10.79 23.48
N HIS D 10 -23.72 10.17 24.45
CA HIS D 10 -23.94 10.75 25.76
C HIS D 10 -22.61 11.07 26.40
N ARG D 11 -21.69 10.11 26.39
CA ARG D 11 -20.36 10.32 26.98
C ARG D 11 -19.62 11.44 26.27
N LEU D 12 -19.61 11.43 24.93
CA LEU D 12 -18.91 12.46 24.16
C LEU D 12 -19.45 13.85 24.44
N LEU D 13 -20.78 13.98 24.60
CA LEU D 13 -21.44 15.24 24.93
C LEU D 13 -21.11 15.73 26.33
N GLN D 14 -20.93 14.80 27.29
CA GLN D 14 -20.61 15.17 28.67
C GLN D 14 -19.18 15.62 28.84
N GLU D 15 -18.27 15.08 28.03
CA GLU D 15 -16.86 15.44 28.07
C GLU D 15 -16.59 16.89 27.74
N GLY D 16 -17.42 17.53 26.92
CA GLY D 16 -17.26 18.94 26.60
C GLY D 16 -15.93 19.32 25.95
N SER D 17 -15.65 20.64 25.90
CA SER D 17 -14.47 21.28 25.29
C SER D 17 -14.22 20.86 23.84
C1 D7E E . 18.55 -3.98 -4.20
C2 D7E E . 17.99 -4.45 -5.53
N3 D7E E . 17.84 -5.89 -5.31
C4 D7E E . 16.80 -6.48 -4.62
C5 D7E E . 15.66 -5.99 -3.97
C6 D7E E . 14.77 -6.87 -3.37
C7 D7E E . 15.02 -8.25 -3.44
C8 D7E E . 16.15 -8.74 -4.04
C9 D7E E . 17.05 -7.87 -4.66
N10 D7E E . 18.22 -8.03 -5.35
C11 D7E E . 18.70 -6.87 -5.73
C12 D7E E . 19.93 -6.65 -6.59
C14 D7E E . 21.21 -7.14 -5.92
N15 D7E E . 19.76 -7.25 -7.92
S16 D7E E . 18.66 -6.69 -9.05
O17 D7E E . 18.61 -5.27 -8.99
O18 D7E E . 18.95 -7.34 -10.26
C19 D7E E . 17.10 -7.30 -8.50
C20 D7E E . 16.12 -6.39 -8.07
C21 D7E E . 14.90 -6.85 -7.60
C22 D7E E . 14.69 -8.22 -7.57
C23 D7E E . 15.68 -9.13 -7.94
C24 D7E E . 16.91 -8.67 -8.41
CL25 D7E E . 13.17 -8.80 -6.99
C26 D7E E . 13.50 -6.34 -2.73
F27 D7E E . 13.73 -5.48 -1.66
F28 D7E E . 12.80 -5.58 -3.67
F29 D7E E . 12.72 -7.44 -2.35
C1 D7E F . -19.54 5.01 0.28
C2 D7E F . -18.63 6.06 -0.37
N3 D7E F . -18.03 6.88 0.68
C4 D7E F . -16.80 6.66 1.27
C5 D7E F . -15.78 5.73 1.04
C6 D7E F . -14.62 5.79 1.77
C7 D7E F . -14.44 6.77 2.76
C8 D7E F . -15.44 7.69 3.01
C9 D7E F . -16.62 7.65 2.25
N10 D7E F . -17.76 8.41 2.22
C11 D7E F . -18.57 7.96 1.31
C12 D7E F . -19.92 8.54 0.93
C14 D7E F . -20.80 8.60 2.16
N15 D7E F . -19.79 9.86 0.26
S16 D7E F . -18.81 10.16 -1.06
O17 D7E F . -18.98 9.09 -1.99
O18 D7E F . -19.03 11.51 -1.43
C19 D7E F . -17.16 10.12 -0.45
C20 D7E F . -16.21 9.22 -0.92
C21 D7E F . -14.93 9.20 -0.37
C22 D7E F . -14.63 10.11 0.65
C23 D7E F . -15.59 11.00 1.13
C24 D7E F . -16.85 11.02 0.58
CL25 D7E F . -13.06 10.15 1.37
C26 D7E F . -13.55 4.76 1.49
F27 D7E F . -13.21 4.10 2.68
F28 D7E F . -12.42 5.39 1.00
F29 D7E F . -13.98 3.83 0.53
#